data_3PZC
#
_entry.id   3PZC
#
_cell.length_a   128.194
_cell.length_b   101.791
_cell.length_c   50.623
_cell.angle_alpha   90.000
_cell.angle_beta   90.000
_cell.angle_gamma   90.000
#
_symmetry.space_group_name_H-M   'P 21 21 2'
#
loop_
_entity.id
_entity.type
_entity.pdbx_description
1 polymer 'Amino acid--[acyl-carrier-protein] ligase 1'
2 non-polymer 'ZINC ION'
3 non-polymer "GLYCYL-ADENOSINE-5'-PHOSPHATE"
4 non-polymer GLYCEROL
5 non-polymer 'COENZYME A'
6 non-polymer 'ACETATE ION'
7 water water
#
_entity_poly.entity_id   1
_entity_poly.type   'polypeptide(L)'
_entity_poly.pdbx_seq_one_letter_code
;MGSSHHHHHHSSGLVPRGSHMNIAVLPNSPDTAPQIADPLDHLADKLFHSMGSDGVYARTALYESIVERLAALITSHREA
GTEALRFPPVMSRAQLEKSGYLKSFPNLLGCVCGLHGTEREINAAVSRFDAGGDWTTSLSPADLVLSPAACYPVYPIAAS
RGPLPKGGLRFDVAADCFRREPSKHLDRLQSFRMREYVCIGTPDDVSDFRERWMVRAQAIARDLGLTFRVDYASDPFFGR
VGQMKAVSQKQQQLKFELLIPLRSEEQPTACMSFNYHREHFGTTWGIQDANGEPAHTGCVAFGMDRLAVAMFHTHGTDLS
AWPAKVRDILGLQPHVAAGAHGEGWR
;
_entity_poly.pdbx_strand_id   A,B
#
# COMPACT_ATOMS: atom_id res chain seq x y z
N ALA A 37 -16.59 -3.62 -26.00
CA ALA A 37 -16.04 -3.59 -24.66
C ALA A 37 -15.05 -2.44 -24.48
N ASP A 38 -14.46 -2.35 -23.30
CA ASP A 38 -13.48 -1.32 -23.01
C ASP A 38 -12.17 -1.61 -23.73
N PRO A 39 -11.59 -0.59 -24.39
CA PRO A 39 -10.33 -0.69 -25.14
C PRO A 39 -9.16 -1.21 -24.30
N LEU A 40 -9.24 -1.04 -22.99
CA LEU A 40 -8.16 -1.45 -22.10
C LEU A 40 -8.27 -2.91 -21.67
N ASP A 41 -9.46 -3.48 -21.82
CA ASP A 41 -9.75 -4.81 -21.28
C ASP A 41 -8.80 -5.91 -21.74
N HIS A 42 -8.47 -5.93 -23.03
CA HIS A 42 -7.63 -7.01 -23.55
C HIS A 42 -6.27 -7.06 -22.86
N LEU A 43 -5.92 -5.99 -22.14
CA LEU A 43 -4.65 -5.90 -21.45
C LEU A 43 -4.65 -6.70 -20.17
N ALA A 44 -5.84 -7.00 -19.68
CA ALA A 44 -5.99 -7.56 -18.34
C ALA A 44 -5.23 -8.88 -18.12
N ASP A 45 -5.35 -9.79 -19.09
N ASP A 45 -5.30 -9.80 -19.08
CA ASP A 45 -4.73 -11.12 -18.99
CA ASP A 45 -4.74 -11.12 -18.83
C ASP A 45 -3.26 -11.03 -18.61
C ASP A 45 -3.21 -11.14 -18.71
N LYS A 46 -2.53 -10.18 -19.32
CA LYS A 46 -1.07 -10.07 -19.16
C LYS A 46 -0.65 -9.28 -17.91
N LEU A 47 -1.51 -8.42 -17.40
CA LEU A 47 -1.14 -7.47 -16.35
C LEU A 47 -1.68 -7.81 -14.97
N PHE A 48 -2.86 -8.43 -14.93
CA PHE A 48 -3.59 -8.58 -13.67
C PHE A 48 -4.20 -9.95 -13.48
N HIS A 49 -4.40 -10.33 -12.22
CA HIS A 49 -5.32 -11.42 -11.88
C HIS A 49 -6.38 -10.89 -10.93
N SER A 50 -7.55 -11.50 -10.98
CA SER A 50 -8.68 -11.04 -10.19
C SER A 50 -8.50 -11.35 -8.71
N MET A 51 -9.07 -10.50 -7.88
CA MET A 51 -9.06 -10.74 -6.45
C MET A 51 -10.46 -10.76 -5.89
N GLY A 52 -11.42 -10.88 -6.80
CA GLY A 52 -12.83 -10.95 -6.45
C GLY A 52 -13.40 -9.62 -6.06
N SER A 53 -12.78 -8.54 -6.52
CA SER A 53 -13.32 -7.21 -6.28
C SER A 53 -12.91 -6.24 -7.40
N ASP A 54 -13.89 -5.55 -7.98
CA ASP A 54 -13.62 -4.57 -9.03
C ASP A 54 -12.64 -3.50 -8.54
N GLY A 55 -11.60 -3.24 -9.31
CA GLY A 55 -10.64 -2.20 -8.96
C GLY A 55 -9.54 -2.62 -8.02
N VAL A 56 -9.51 -3.91 -7.71
CA VAL A 56 -8.54 -4.49 -6.79
C VAL A 56 -7.92 -5.69 -7.47
N TYR A 57 -6.69 -5.53 -7.96
CA TYR A 57 -6.08 -6.58 -8.78
C TYR A 57 -4.70 -7.00 -8.27
N ALA A 58 -4.39 -8.28 -8.49
CA ALA A 58 -3.04 -8.78 -8.28
C ALA A 58 -2.21 -8.40 -9.51
N ARG A 59 -1.00 -7.88 -9.29
CA ARG A 59 -0.11 -7.48 -10.38
C ARG A 59 0.81 -8.62 -10.80
N THR A 60 0.88 -8.88 -12.10
CA THR A 60 1.82 -9.88 -12.62
C THR A 60 3.22 -9.32 -12.53
N ALA A 61 4.22 -10.18 -12.75
CA ALA A 61 5.61 -9.74 -12.75
C ALA A 61 5.89 -8.73 -13.88
N LEU A 62 5.29 -8.94 -15.04
CA LEU A 62 5.42 -8.01 -16.17
C LEU A 62 4.95 -6.60 -15.79
N TYR A 63 3.73 -6.50 -15.26
CA TYR A 63 3.17 -5.23 -14.83
C TYR A 63 4.05 -4.56 -13.77
N GLU A 64 4.38 -5.31 -12.73
CA GLU A 64 5.20 -4.82 -11.63
C GLU A 64 6.53 -4.22 -12.11
N SER A 65 7.24 -4.93 -12.99
CA SER A 65 8.54 -4.45 -13.45
C SER A 65 8.42 -3.09 -14.12
N ILE A 66 7.28 -2.82 -14.73
CA ILE A 66 7.10 -1.52 -15.38
C ILE A 66 6.78 -0.42 -14.35
N VAL A 67 5.96 -0.74 -13.35
CA VAL A 67 5.70 0.23 -12.27
C VAL A 67 7.02 0.66 -11.61
N GLU A 68 7.88 -0.31 -11.32
CA GLU A 68 9.15 -0.05 -10.65
C GLU A 68 10.05 0.81 -11.52
N ARG A 69 10.05 0.55 -12.82
CA ARG A 69 10.88 1.34 -13.72
C ARG A 69 10.35 2.77 -13.84
N LEU A 70 9.03 2.92 -13.91
CA LEU A 70 8.43 4.25 -13.85
C LEU A 70 8.82 4.93 -12.54
N ALA A 71 8.80 4.20 -11.45
CA ALA A 71 9.15 4.79 -10.16
C ALA A 71 10.60 5.27 -10.17
N ALA A 72 11.49 4.42 -10.70
CA ALA A 72 12.90 4.79 -10.79
C ALA A 72 13.07 6.03 -11.66
N LEU A 73 12.36 6.09 -12.78
CA LEU A 73 12.46 7.25 -13.68
C LEU A 73 12.02 8.53 -12.98
N ILE A 74 10.91 8.45 -12.24
CA ILE A 74 10.43 9.61 -11.51
C ILE A 74 11.48 10.04 -10.49
N THR A 75 12.02 9.07 -9.75
CA THR A 75 13.07 9.35 -8.78
C THR A 75 14.27 10.06 -9.41
N SER A 76 14.60 9.71 -10.65
CA SER A 76 15.76 10.32 -11.32
C SER A 76 15.55 11.79 -11.65
N HIS A 77 14.32 12.28 -11.48
CA HIS A 77 14.00 13.67 -11.75
C HIS A 77 13.73 14.44 -10.45
N ARG A 78 14.08 13.83 -9.31
CA ARG A 78 13.90 14.49 -8.02
C ARG A 78 14.80 15.70 -7.89
N GLU A 79 14.24 16.82 -7.49
CA GLU A 79 15.04 18.01 -7.23
C GLU A 79 15.90 17.84 -5.99
N ALA A 80 17.10 18.44 -6.01
CA ALA A 80 17.99 18.44 -4.87
C ALA A 80 17.31 18.95 -3.60
N GLY A 81 17.69 18.39 -2.46
CA GLY A 81 17.16 18.83 -1.17
C GLY A 81 15.72 18.41 -0.92
N THR A 82 15.24 17.43 -1.69
CA THR A 82 13.90 16.91 -1.50
C THR A 82 13.93 15.69 -0.60
N GLU A 83 13.20 15.74 0.51
CA GLU A 83 13.24 14.70 1.50
C GLU A 83 12.25 13.58 1.15
N ALA A 84 12.72 12.33 1.15
CA ALA A 84 11.90 11.20 0.74
C ALA A 84 11.26 10.47 1.93
N LEU A 85 9.93 10.42 1.94
CA LEU A 85 9.21 9.70 2.98
C LEU A 85 8.25 8.69 2.33
N ARG A 86 8.14 7.49 2.91
CA ARG A 86 7.20 6.51 2.42
C ARG A 86 6.17 6.19 3.51
N PHE A 87 4.90 6.23 3.13
CA PHE A 87 3.83 6.06 4.10
C PHE A 87 3.15 4.72 3.92
N PRO A 88 2.65 4.16 5.03
CA PRO A 88 1.83 2.94 4.97
C PRO A 88 0.49 3.26 4.31
N PRO A 89 -0.28 2.23 3.95
CA PRO A 89 -1.59 2.44 3.29
C PRO A 89 -2.67 2.96 4.23
N VAL A 90 -2.34 3.15 5.50
CA VAL A 90 -3.28 3.76 6.44
C VAL A 90 -2.70 5.02 7.05
N MET A 91 -3.58 5.84 7.63
CA MET A 91 -3.19 7.09 8.27
C MET A 91 -4.22 7.42 9.33
N SER A 92 -3.83 8.27 10.28
CA SER A 92 -4.72 8.72 11.35
C SER A 92 -6.07 9.27 10.84
N ARG A 93 -7.16 8.75 11.38
CA ARG A 93 -8.47 9.27 11.07
C ARG A 93 -8.62 10.72 11.55
N ALA A 94 -8.07 11.02 12.73
CA ALA A 94 -8.15 12.39 13.24
C ALA A 94 -7.48 13.36 12.28
N GLN A 95 -6.29 13.01 11.79
CA GLN A 95 -5.61 13.86 10.82
C GLN A 95 -6.42 14.03 9.55
N LEU A 96 -7.07 12.97 9.09
CA LEU A 96 -7.84 13.12 7.87
C LEU A 96 -9.05 14.00 8.09
N GLU A 97 -9.70 13.87 9.25
CA GLU A 97 -10.81 14.75 9.62
C GLU A 97 -10.36 16.20 9.65
N LYS A 98 -9.27 16.46 10.35
CA LYS A 98 -8.75 17.81 10.48
C LYS A 98 -8.37 18.41 9.12
N SER A 99 -7.93 17.56 8.20
N SER A 99 -7.93 17.56 8.19
CA SER A 99 -7.51 18.03 6.88
CA SER A 99 -7.51 18.01 6.87
C SER A 99 -8.69 18.48 6.02
C SER A 99 -8.69 18.48 6.04
N GLY A 100 -9.91 18.20 6.50
CA GLY A 100 -11.11 18.66 5.81
C GLY A 100 -11.61 17.74 4.71
N TYR A 101 -11.07 16.54 4.65
CA TYR A 101 -11.43 15.59 3.61
C TYR A 101 -12.93 15.24 3.52
N LEU A 102 -13.60 15.18 4.67
CA LEU A 102 -15.01 14.81 4.71
C LEU A 102 -15.86 15.91 4.08
N LYS A 103 -15.30 17.10 4.01
CA LYS A 103 -16.01 18.25 3.46
C LYS A 103 -15.96 18.21 1.94
N SER A 104 -15.08 17.37 1.40
CA SER A 104 -14.86 17.34 -0.04
C SER A 104 -15.25 16.02 -0.71
N PHE A 105 -14.78 14.91 -0.17
CA PHE A 105 -15.05 13.63 -0.80
C PHE A 105 -15.43 12.56 0.23
N PRO A 106 -16.48 12.83 1.02
CA PRO A 106 -16.87 11.85 2.05
C PRO A 106 -17.22 10.49 1.42
N ASN A 107 -17.70 10.52 0.19
CA ASN A 107 -18.18 9.32 -0.51
C ASN A 107 -17.05 8.40 -0.97
N LEU A 108 -15.82 8.91 -0.97
CA LEU A 108 -14.67 8.14 -1.47
C LEU A 108 -13.88 7.52 -0.33
N LEU A 109 -14.15 7.97 0.88
CA LEU A 109 -13.31 7.58 2.00
C LEU A 109 -13.50 6.14 2.45
N GLY A 110 -12.39 5.42 2.57
CA GLY A 110 -12.41 4.10 3.18
C GLY A 110 -11.94 4.16 4.62
N CYS A 111 -12.82 3.83 5.55
CA CYS A 111 -12.50 3.87 6.97
C CYS A 111 -12.17 2.47 7.44
N VAL A 112 -11.20 2.36 8.34
CA VAL A 112 -10.89 1.07 8.92
C VAL A 112 -11.80 0.82 10.12
N CYS A 113 -12.39 -0.37 10.18
CA CYS A 113 -13.20 -0.76 11.32
C CYS A 113 -12.80 -2.13 11.81
N GLY A 114 -13.05 -2.40 13.08
CA GLY A 114 -12.79 -3.71 13.65
C GLY A 114 -13.81 -4.15 14.68
N LEU A 115 -13.59 -5.34 15.22
CA LEU A 115 -14.34 -5.82 16.37
C LEU A 115 -13.56 -5.42 17.63
N HIS A 116 -14.05 -4.39 18.31
N HIS A 116 -14.06 -4.41 18.33
CA HIS A 116 -13.38 -3.82 19.48
CA HIS A 116 -13.35 -3.87 19.49
C HIS A 116 -14.04 -4.21 20.80
C HIS A 116 -14.07 -4.17 20.81
N GLY A 117 -15.11 -5.00 20.74
CA GLY A 117 -15.88 -5.34 21.91
C GLY A 117 -15.23 -6.22 22.95
N THR A 118 -16.03 -6.77 23.86
CA THR A 118 -15.57 -7.71 24.87
C THR A 118 -15.43 -9.10 24.27
N GLU A 119 -14.71 -9.99 24.94
CA GLU A 119 -14.52 -11.32 24.39
C GLU A 119 -15.86 -11.97 24.15
N ARG A 120 -16.79 -11.71 25.07
CA ARG A 120 -18.15 -12.24 24.94
C ARG A 120 -18.78 -11.67 23.68
N GLU A 121 -18.62 -10.36 23.48
CA GLU A 121 -19.18 -9.69 22.32
C GLU A 121 -18.56 -10.22 21.02
N ILE A 122 -17.24 -10.28 20.98
CA ILE A 122 -16.56 -10.73 19.78
C ILE A 122 -16.95 -12.16 19.45
N ASN A 123 -17.03 -13.00 20.48
CA ASN A 123 -17.48 -14.38 20.30
C ASN A 123 -18.88 -14.44 19.70
N ALA A 124 -19.75 -13.56 20.17
CA ALA A 124 -21.12 -13.50 19.66
C ALA A 124 -21.13 -13.22 18.15
N ALA A 125 -20.32 -12.25 17.73
CA ALA A 125 -20.26 -11.85 16.33
C ALA A 125 -19.77 -13.01 15.47
N VAL A 126 -18.73 -13.68 15.93
CA VAL A 126 -18.23 -14.84 15.21
C VAL A 126 -19.30 -15.92 15.08
N SER A 127 -20.07 -16.13 16.14
CA SER A 127 -21.10 -17.17 16.15
C SER A 127 -22.19 -16.87 15.14
N ARG A 128 -22.55 -15.61 15.01
CA ARG A 128 -23.51 -15.24 13.99
C ARG A 128 -22.95 -15.63 12.62
N PHE A 129 -21.69 -15.29 12.37
CA PHE A 129 -21.08 -15.66 11.11
C PHE A 129 -21.20 -17.15 10.88
N ASP A 130 -20.80 -17.94 11.89
CA ASP A 130 -20.92 -19.39 11.82
C ASP A 130 -22.35 -19.82 11.52
N ALA A 131 -23.31 -19.05 12.03
CA ALA A 131 -24.74 -19.36 11.85
C ALA A 131 -25.39 -18.66 10.66
N GLY A 132 -24.58 -18.16 9.72
CA GLY A 132 -25.11 -17.48 8.55
C GLY A 132 -25.70 -16.12 8.84
N GLY A 133 -25.68 -15.71 10.11
CA GLY A 133 -26.08 -14.37 10.50
C GLY A 133 -25.05 -13.34 10.06
N ASP A 134 -25.16 -12.11 10.58
CA ASP A 134 -24.30 -11.01 10.14
C ASP A 134 -23.33 -10.50 11.21
N TRP A 135 -22.08 -10.95 11.13
CA TRP A 135 -21.05 -10.54 12.08
C TRP A 135 -20.71 -9.04 12.01
N THR A 136 -20.90 -8.42 10.85
CA THR A 136 -20.40 -7.06 10.64
C THR A 136 -21.10 -6.01 11.47
N THR A 137 -22.25 -6.37 12.04
CA THR A 137 -23.02 -5.39 12.80
C THR A 137 -22.29 -5.02 14.07
N SER A 138 -21.27 -5.80 14.41
CA SER A 138 -20.46 -5.52 15.58
C SER A 138 -19.23 -4.67 15.25
N LEU A 139 -19.10 -4.20 14.01
CA LEU A 139 -17.95 -3.35 13.67
C LEU A 139 -18.09 -1.95 14.26
N SER A 140 -16.96 -1.39 14.66
CA SER A 140 -16.91 0.01 15.04
C SER A 140 -15.64 0.64 14.48
N PRO A 141 -15.68 1.94 14.20
CA PRO A 141 -14.53 2.58 13.55
C PRO A 141 -13.25 2.51 14.39
N ALA A 142 -12.13 2.31 13.71
CA ALA A 142 -10.84 2.43 14.33
C ALA A 142 -10.41 3.89 14.26
N ASP A 143 -9.20 4.16 14.73
CA ASP A 143 -8.64 5.50 14.67
C ASP A 143 -7.81 5.66 13.40
N LEU A 144 -8.08 4.81 12.40
CA LEU A 144 -7.35 4.81 11.14
C LEU A 144 -8.26 4.84 9.92
N VAL A 145 -7.80 5.47 8.86
CA VAL A 145 -8.45 5.34 7.55
C VAL A 145 -7.41 4.87 6.54
N LEU A 146 -7.89 4.38 5.40
N LEU A 146 -7.90 4.37 5.40
CA LEU A 146 -7.00 4.12 4.27
CA LEU A 146 -7.00 4.14 4.26
C LEU A 146 -6.75 5.46 3.57
C LEU A 146 -6.75 5.49 3.60
N SER A 147 -5.49 5.75 3.27
CA SER A 147 -5.13 7.05 2.73
C SER A 147 -5.71 7.28 1.35
N PRO A 148 -6.31 8.46 1.13
CA PRO A 148 -6.95 8.85 -0.13
C PRO A 148 -5.96 9.51 -1.08
N ALA A 149 -4.83 9.93 -0.52
CA ALA A 149 -3.80 10.62 -1.29
C ALA A 149 -2.50 10.55 -0.52
N ALA A 150 -1.39 10.44 -1.23
CA ALA A 150 -0.10 10.22 -0.58
C ALA A 150 0.41 11.39 0.29
N CYS A 151 0.08 12.62 -0.08
CA CYS A 151 0.70 13.76 0.61
C CYS A 151 0.12 14.10 1.99
N TYR A 152 -1.13 13.72 2.25
CA TYR A 152 -1.83 14.14 3.47
C TYR A 152 -1.01 14.09 4.75
N PRO A 153 -0.40 12.93 5.06
CA PRO A 153 0.32 12.83 6.33
C PRO A 153 1.53 13.74 6.43
N VAL A 154 2.02 14.28 5.31
CA VAL A 154 3.26 15.03 5.35
C VAL A 154 3.10 16.43 5.95
N TYR A 155 1.88 16.96 5.98
CA TYR A 155 1.67 18.33 6.46
C TYR A 155 1.81 18.46 7.97
N PRO A 156 1.14 17.58 8.73
CA PRO A 156 1.40 17.53 10.18
C PRO A 156 2.89 17.34 10.48
N ILE A 157 3.58 16.63 9.59
CA ILE A 157 4.97 16.30 9.80
C ILE A 157 5.85 17.53 9.62
N ALA A 158 5.66 18.23 8.51
CA ALA A 158 6.36 19.47 8.26
C ALA A 158 6.10 20.49 9.39
N ALA A 159 4.86 20.59 9.84
CA ALA A 159 4.50 21.55 10.89
C ALA A 159 5.22 21.32 12.23
N SER A 160 5.45 20.05 12.58
CA SER A 160 6.10 19.72 13.84
C SER A 160 7.54 20.21 13.91
N ARG A 161 8.03 20.76 12.80
CA ARG A 161 9.42 21.20 12.73
C ARG A 161 9.54 22.71 12.97
N GLY A 162 8.42 23.36 13.25
CA GLY A 162 8.43 24.79 13.46
C GLY A 162 8.44 25.52 12.15
N PRO A 163 8.80 26.81 12.17
CA PRO A 163 8.75 27.66 10.98
C PRO A 163 9.55 27.10 9.80
N LEU A 164 9.07 27.35 8.59
CA LEU A 164 9.77 26.94 7.38
C LEU A 164 11.02 27.79 7.17
N PRO A 165 12.09 27.17 6.67
CA PRO A 165 13.26 27.95 6.27
C PRO A 165 12.96 28.72 5.01
N LYS A 166 13.78 29.72 4.70
CA LYS A 166 13.64 30.45 3.45
C LYS A 166 13.74 29.47 2.28
N GLY A 167 12.78 29.55 1.36
CA GLY A 167 12.77 28.67 0.21
C GLY A 167 11.87 27.46 0.39
N GLY A 168 11.37 27.27 1.61
CA GLY A 168 10.41 26.22 1.90
C GLY A 168 10.99 24.83 2.02
N LEU A 169 10.12 23.83 2.06
CA LEU A 169 10.52 22.43 2.11
C LEU A 169 9.99 21.69 0.88
N ARG A 170 10.75 20.71 0.41
CA ARG A 170 10.29 19.85 -0.67
C ARG A 170 10.21 18.43 -0.13
N PHE A 171 9.15 17.70 -0.45
CA PHE A 171 9.06 16.30 -0.07
C PHE A 171 8.79 15.36 -1.24
N ASP A 172 9.30 14.15 -1.12
CA ASP A 172 9.02 13.07 -2.05
C ASP A 172 8.23 12.03 -1.27
N VAL A 173 6.95 11.84 -1.62
CA VAL A 173 6.09 10.91 -0.88
C VAL A 173 5.44 9.87 -1.79
N ALA A 174 5.14 8.70 -1.22
CA ALA A 174 4.35 7.70 -1.91
C ALA A 174 3.54 6.89 -0.92
N ALA A 175 2.44 6.31 -1.41
CA ALA A 175 1.59 5.45 -0.59
C ALA A 175 0.63 4.72 -1.51
N ASP A 176 0.16 3.57 -1.04
CA ASP A 176 -0.93 2.90 -1.68
C ASP A 176 -2.17 3.56 -1.14
N CYS A 177 -2.93 4.18 -2.03
CA CYS A 177 -4.12 4.91 -1.61
C CYS A 177 -5.39 4.12 -1.92
N PHE A 178 -6.50 4.57 -1.34
CA PHE A 178 -7.79 3.94 -1.54
C PHE A 178 -8.84 4.98 -1.86
N ARG A 179 -9.63 4.72 -2.91
CA ARG A 179 -10.81 5.52 -3.16
C ARG A 179 -11.98 4.59 -3.45
N ARG A 180 -13.09 4.84 -2.76
N ARG A 180 -13.08 4.83 -2.76
CA ARG A 180 -14.24 3.93 -2.82
CA ARG A 180 -14.25 3.96 -2.82
C ARG A 180 -15.02 4.18 -4.10
C ARG A 180 -15.00 4.24 -4.11
N GLU A 181 -14.43 3.79 -5.22
CA GLU A 181 -15.07 3.94 -6.53
C GLU A 181 -14.94 2.66 -7.34
N PRO A 182 -15.74 1.64 -6.98
CA PRO A 182 -15.69 0.37 -7.69
C PRO A 182 -15.98 0.55 -9.17
N SER A 183 -15.17 -0.09 -10.00
CA SER A 183 -15.34 -0.01 -11.44
C SER A 183 -14.55 -1.14 -12.09
N LYS A 184 -15.00 -1.56 -13.26
CA LYS A 184 -14.30 -2.58 -14.02
C LYS A 184 -13.26 -2.01 -14.98
N HIS A 185 -13.23 -0.69 -15.16
CA HIS A 185 -12.23 -0.12 -16.06
C HIS A 185 -10.86 -0.16 -15.43
N LEU A 186 -9.87 -0.55 -16.22
CA LEU A 186 -8.51 -0.76 -15.73
C LEU A 186 -7.83 0.53 -15.29
N ASP A 187 -8.38 1.68 -15.69
CA ASP A 187 -7.80 2.96 -15.28
C ASP A 187 -8.57 3.60 -14.13
N ARG A 188 -9.47 2.83 -13.53
CA ARG A 188 -10.23 3.28 -12.36
C ARG A 188 -10.21 2.21 -11.27
N LEU A 189 -9.22 2.30 -10.38
CA LEU A 189 -9.04 1.32 -9.34
C LEU A 189 -9.56 1.83 -8.02
N GLN A 190 -9.67 0.94 -7.05
CA GLN A 190 -10.01 1.35 -5.69
C GLN A 190 -8.76 1.44 -4.83
N SER A 191 -7.80 0.56 -5.10
CA SER A 191 -6.54 0.58 -4.42
C SER A 191 -5.48 0.83 -5.48
N PHE A 192 -4.73 1.92 -5.35
CA PHE A 192 -3.74 2.26 -6.36
C PHE A 192 -2.57 3.01 -5.73
N ARG A 193 -1.39 2.89 -6.33
CA ARG A 193 -0.21 3.58 -5.81
C ARG A 193 -0.06 5.01 -6.32
N MET A 194 0.26 5.93 -5.41
N MET A 194 0.24 5.91 -5.40
CA MET A 194 0.43 7.33 -5.77
CA MET A 194 0.47 7.31 -5.69
C MET A 194 1.81 7.84 -5.31
C MET A 194 1.92 7.68 -5.37
N ARG A 195 2.48 8.56 -6.20
CA ARG A 195 3.81 9.08 -5.95
C ARG A 195 3.69 10.59 -6.14
N GLU A 196 4.23 11.37 -5.20
CA GLU A 196 4.11 12.83 -5.27
C GLU A 196 5.37 13.61 -4.89
N TYR A 197 5.55 14.76 -5.51
CA TYR A 197 6.50 15.75 -5.04
C TYR A 197 5.68 16.91 -4.45
N VAL A 198 6.02 17.30 -3.23
CA VAL A 198 5.21 18.26 -2.49
C VAL A 198 6.03 19.49 -2.13
N CYS A 199 5.50 20.67 -2.43
CA CYS A 199 6.17 21.92 -2.07
C CYS A 199 5.42 22.66 -0.97
N ILE A 200 6.13 23.00 0.10
CA ILE A 200 5.58 23.77 1.21
C ILE A 200 6.41 25.03 1.44
N GLY A 201 5.80 26.19 1.27
CA GLY A 201 6.50 27.46 1.46
C GLY A 201 5.66 28.67 1.08
N THR A 202 6.29 29.67 0.47
CA THR A 202 5.59 30.89 0.09
C THR A 202 4.81 30.67 -1.19
N PRO A 203 3.82 31.53 -1.45
CA PRO A 203 3.08 31.40 -2.70
C PRO A 203 4.03 31.37 -3.89
N ASP A 204 5.10 32.16 -3.82
CA ASP A 204 6.12 32.19 -4.87
C ASP A 204 6.84 30.84 -4.99
N ASP A 205 7.29 30.31 -3.85
CA ASP A 205 7.92 29.00 -3.81
C ASP A 205 7.07 27.96 -4.55
N VAL A 206 5.79 27.90 -4.20
CA VAL A 206 4.91 26.88 -4.72
C VAL A 206 4.62 27.06 -6.21
N SER A 207 4.39 28.31 -6.62
CA SER A 207 4.12 28.60 -8.02
CA SER A 207 4.11 28.59 -8.03
C SER A 207 5.31 28.25 -8.92
N ASP A 208 6.51 28.62 -8.48
N ASP A 208 6.51 28.64 -8.48
CA ASP A 208 7.72 28.29 -9.23
CA ASP A 208 7.72 28.29 -9.22
C ASP A 208 7.85 26.77 -9.36
C ASP A 208 7.80 26.78 -9.38
N PHE A 209 7.54 26.08 -8.28
CA PHE A 209 7.61 24.62 -8.23
C PHE A 209 6.59 24.01 -9.18
N ARG A 210 5.38 24.54 -9.15
CA ARG A 210 4.31 24.01 -9.97
C ARG A 210 4.59 24.22 -11.45
N GLU A 211 5.12 25.40 -11.76
CA GLU A 211 5.42 25.75 -13.15
C GLU A 211 6.50 24.82 -13.69
N ARG A 212 7.56 24.69 -12.90
CA ARG A 212 8.68 23.82 -13.18
C ARG A 212 8.19 22.40 -13.50
N TRP A 213 7.28 21.89 -12.68
CA TRP A 213 6.83 20.51 -12.84
C TRP A 213 5.85 20.29 -13.97
N MET A 214 5.07 21.31 -14.31
CA MET A 214 4.18 21.15 -15.44
C MET A 214 4.98 21.03 -16.73
N VAL A 215 6.16 21.63 -16.74
CA VAL A 215 7.03 21.56 -17.89
C VAL A 215 7.80 20.23 -17.91
N ARG A 216 8.36 19.88 -16.77
CA ARG A 216 9.12 18.65 -16.59
C ARG A 216 8.24 17.39 -16.69
N ALA A 217 6.99 17.51 -16.27
CA ALA A 217 6.09 16.36 -16.40
C ALA A 217 5.75 16.07 -17.85
N GLN A 218 5.64 17.12 -18.67
CA GLN A 218 5.34 16.93 -20.08
C GLN A 218 6.54 16.33 -20.80
N ALA A 219 7.73 16.73 -20.37
CA ALA A 219 8.97 16.21 -20.95
C ALA A 219 9.07 14.72 -20.66
N ILE A 220 8.71 14.32 -19.44
CA ILE A 220 8.69 12.91 -19.05
C ILE A 220 7.71 12.08 -19.88
N ALA A 221 6.48 12.56 -20.02
CA ALA A 221 5.51 11.83 -20.84
C ALA A 221 6.00 11.66 -22.28
N ARG A 222 6.66 12.69 -22.82
CA ARG A 222 7.28 12.60 -24.14
C ARG A 222 8.33 11.48 -24.20
N ASP A 223 9.25 11.48 -23.23
CA ASP A 223 10.29 10.46 -23.15
C ASP A 223 9.69 9.05 -23.12
N LEU A 224 8.48 8.94 -22.58
CA LEU A 224 7.79 7.67 -22.45
C LEU A 224 7.00 7.31 -23.71
N GLY A 225 6.93 8.25 -24.64
CA GLY A 225 6.25 7.99 -25.90
C GLY A 225 4.75 8.00 -25.74
N LEU A 226 4.28 8.71 -24.73
CA LEU A 226 2.86 8.85 -24.45
C LEU A 226 2.27 10.09 -25.12
N THR A 227 1.04 9.97 -25.61
CA THR A 227 0.30 11.11 -26.14
C THR A 227 -0.52 11.76 -25.04
N PHE A 228 -0.44 13.08 -24.92
CA PHE A 228 -1.13 13.78 -23.86
C PHE A 228 -1.47 15.23 -24.22
N ARG A 229 -2.31 15.82 -23.38
CA ARG A 229 -2.45 17.26 -23.33
C ARG A 229 -2.59 17.64 -21.86
N VAL A 230 -2.23 18.87 -21.52
CA VAL A 230 -2.41 19.34 -20.17
C VAL A 230 -3.60 20.30 -20.17
N ASP A 231 -4.43 20.24 -19.15
CA ASP A 231 -5.65 21.02 -19.16
C ASP A 231 -6.02 21.40 -17.73
N TYR A 232 -6.69 22.54 -17.56
CA TYR A 232 -7.26 22.88 -16.27
C TYR A 232 -8.24 21.78 -15.91
N ALA A 233 -8.38 21.52 -14.62
CA ALA A 233 -9.28 20.46 -14.17
C ALA A 233 -9.81 20.78 -12.78
N SER A 234 -10.69 19.92 -12.28
CA SER A 234 -11.20 20.06 -10.93
C SER A 234 -11.33 18.68 -10.27
N ASP A 235 -11.21 18.66 -8.95
CA ASP A 235 -11.46 17.44 -8.20
C ASP A 235 -12.94 17.04 -8.28
N PRO A 236 -13.23 15.76 -8.08
CA PRO A 236 -14.63 15.31 -8.14
C PRO A 236 -15.38 15.63 -6.83
N PHE A 237 -15.46 16.90 -6.47
CA PHE A 237 -16.11 17.27 -5.22
C PHE A 237 -17.51 16.65 -5.10
N PHE A 238 -17.88 16.27 -3.88
CA PHE A 238 -19.15 15.57 -3.68
C PHE A 238 -20.40 16.45 -3.59
N GLY A 239 -21.51 15.93 -4.09
CA GLY A 239 -22.81 16.54 -3.91
C GLY A 239 -23.04 17.85 -4.66
N ARG A 240 -24.17 18.48 -4.38
CA ARG A 240 -24.58 19.70 -5.10
C ARG A 240 -23.58 20.82 -4.94
N VAL A 241 -23.15 21.06 -3.70
CA VAL A 241 -22.17 22.11 -3.45
C VAL A 241 -20.88 21.77 -4.19
N GLY A 242 -20.58 20.48 -4.29
CA GLY A 242 -19.40 20.02 -4.99
C GLY A 242 -19.33 20.51 -6.44
N GLN A 243 -20.49 20.71 -7.06
CA GLN A 243 -20.50 21.28 -8.40
C GLN A 243 -20.07 22.77 -8.40
N MET A 244 -20.39 23.50 -7.35
CA MET A 244 -19.95 24.91 -7.23
C MET A 244 -18.47 24.95 -6.92
N LYS A 245 -18.03 24.03 -6.09
CA LYS A 245 -16.62 23.93 -5.74
C LYS A 245 -15.76 23.64 -6.97
N ALA A 246 -16.22 22.78 -7.86
CA ALA A 246 -15.43 22.37 -9.00
C ALA A 246 -15.29 23.50 -10.02
N VAL A 247 -16.42 24.15 -10.33
CA VAL A 247 -16.43 25.33 -11.20
C VAL A 247 -15.45 26.39 -10.71
N SER A 248 -15.50 26.69 -9.41
CA SER A 248 -14.61 27.67 -8.81
C SER A 248 -13.15 27.24 -8.92
N GLN A 249 -12.88 25.98 -8.61
CA GLN A 249 -11.52 25.46 -8.67
C GLN A 249 -10.97 25.57 -10.08
N LYS A 250 -11.79 25.22 -11.06
CA LYS A 250 -11.39 25.29 -12.46
C LYS A 250 -11.05 26.72 -12.90
N GLN A 251 -11.91 27.67 -12.54
CA GLN A 251 -11.69 29.05 -12.97
C GLN A 251 -10.45 29.63 -12.29
N GLN A 252 -10.15 29.17 -11.09
CA GLN A 252 -8.96 29.63 -10.38
C GLN A 252 -7.71 28.85 -10.82
N GLN A 253 -7.91 27.84 -11.66
CA GLN A 253 -6.79 27.10 -12.23
C GLN A 253 -5.91 26.51 -11.14
N LEU A 254 -6.52 26.14 -10.03
CA LEU A 254 -5.78 25.54 -8.94
C LEU A 254 -5.37 24.10 -9.22
N LYS A 255 -5.90 23.51 -10.28
CA LYS A 255 -5.59 22.12 -10.59
C LYS A 255 -5.41 21.88 -12.08
N PHE A 256 -4.22 21.43 -12.47
CA PHE A 256 -4.02 20.95 -13.84
C PHE A 256 -3.83 19.44 -13.83
N GLU A 257 -4.15 18.81 -14.96
CA GLU A 257 -3.97 17.38 -15.14
C GLU A 257 -3.28 17.11 -16.45
N LEU A 258 -2.51 16.03 -16.49
CA LEU A 258 -1.95 15.55 -17.73
C LEU A 258 -2.80 14.38 -18.17
N LEU A 259 -3.45 14.52 -19.32
CA LEU A 259 -4.47 13.58 -19.74
C LEU A 259 -4.02 12.77 -20.95
N ILE A 260 -4.23 11.47 -20.87
CA ILE A 260 -3.80 10.54 -21.89
C ILE A 260 -5.02 9.77 -22.34
N PRO A 261 -5.21 9.64 -23.66
CA PRO A 261 -6.35 8.90 -24.17
C PRO A 261 -6.14 7.41 -23.94
N LEU A 262 -6.96 6.81 -23.09
CA LEU A 262 -6.92 5.38 -22.92
C LEU A 262 -8.10 4.71 -23.63
N ARG A 263 -9.32 5.09 -23.29
CA ARG A 263 -10.48 4.50 -23.95
C ARG A 263 -10.99 5.32 -25.13
N SER A 264 -10.52 6.56 -25.24
CA SER A 264 -10.89 7.43 -26.35
C SER A 264 -10.27 8.81 -26.19
N GLU A 265 -10.06 9.48 -27.31
CA GLU A 265 -9.48 10.82 -27.34
C GLU A 265 -10.44 11.84 -26.74
N GLU A 266 -11.73 11.53 -26.80
CA GLU A 266 -12.76 12.44 -26.31
C GLU A 266 -12.79 12.49 -24.79
N GLN A 267 -12.47 11.38 -24.15
CA GLN A 267 -12.48 11.30 -22.70
C GLN A 267 -11.21 10.68 -22.13
N PRO A 268 -10.09 11.42 -22.20
CA PRO A 268 -8.78 10.91 -21.79
C PRO A 268 -8.71 10.66 -20.27
N THR A 269 -7.61 10.08 -19.82
CA THR A 269 -7.46 9.71 -18.41
C THR A 269 -6.38 10.54 -17.74
N ALA A 270 -6.72 11.14 -16.61
CA ALA A 270 -5.75 11.94 -15.85
C ALA A 270 -4.72 11.03 -15.20
N CYS A 271 -3.47 11.13 -15.64
CA CYS A 271 -2.40 10.29 -15.11
C CYS A 271 -1.41 11.06 -14.22
N MET A 272 -1.54 12.39 -14.20
CA MET A 272 -0.80 13.22 -13.28
C MET A 272 -1.67 14.41 -12.98
N SER A 273 -1.46 15.01 -11.82
CA SER A 273 -2.14 16.27 -11.54
C SER A 273 -1.16 17.23 -10.90
N PHE A 274 -1.43 18.50 -11.07
CA PHE A 274 -0.62 19.55 -10.49
C PHE A 274 -1.55 20.41 -9.66
N ASN A 275 -1.39 20.35 -8.34
CA ASN A 275 -2.37 20.90 -7.42
C ASN A 275 -1.81 22.05 -6.60
N TYR A 276 -2.46 23.20 -6.70
CA TYR A 276 -2.10 24.34 -5.87
C TYR A 276 -3.16 24.48 -4.79
N HIS A 277 -2.76 24.27 -3.54
CA HIS A 277 -3.70 24.29 -2.43
C HIS A 277 -3.82 25.67 -1.76
N ARG A 278 -3.11 26.66 -2.30
CA ARG A 278 -2.99 27.95 -1.63
C ARG A 278 -2.63 27.69 -0.17
N GLU A 279 -3.31 28.34 0.76
CA GLU A 279 -2.90 28.24 2.16
C GLU A 279 -3.71 27.25 3.00
N HIS A 280 -4.60 26.50 2.36
CA HIS A 280 -5.43 25.53 3.10
C HIS A 280 -4.67 24.68 4.12
N PHE A 281 -3.65 23.96 3.68
CA PHE A 281 -2.95 23.04 4.59
C PHE A 281 -2.08 23.79 5.59
N GLY A 282 -1.53 24.94 5.17
CA GLY A 282 -0.66 25.73 6.01
C GLY A 282 -1.43 26.29 7.19
N THR A 283 -2.60 26.86 6.87
CA THR A 283 -3.53 27.30 7.88
C THR A 283 -4.00 26.14 8.76
N THR A 284 -4.51 25.09 8.12
CA THR A 284 -5.00 23.91 8.85
C THR A 284 -4.02 23.40 9.89
N TRP A 285 -2.75 23.29 9.52
CA TRP A 285 -1.77 22.64 10.39
C TRP A 285 -0.85 23.63 11.11
N GLY A 286 -1.03 24.92 10.84
CA GLY A 286 -0.28 25.95 11.52
C GLY A 286 1.14 26.04 11.03
N ILE A 287 1.33 25.79 9.74
CA ILE A 287 2.64 25.94 9.13
C ILE A 287 2.79 27.38 8.69
N GLN A 288 3.85 28.04 9.13
CA GLN A 288 4.12 29.41 8.68
C GLN A 288 5.40 29.43 7.86
N ASP A 289 5.39 30.17 6.76
CA ASP A 289 6.59 30.31 5.95
C ASP A 289 7.60 31.22 6.64
N ALA A 290 8.70 31.52 5.96
CA ALA A 290 9.77 32.31 6.54
C ALA A 290 9.30 33.74 6.82
N ASN A 291 8.28 34.18 6.09
CA ASN A 291 7.69 35.50 6.30
C ASN A 291 6.71 35.49 7.48
N GLY A 292 6.58 34.35 8.13
CA GLY A 292 5.66 34.21 9.24
C GLY A 292 4.19 34.18 8.84
N GLU A 293 3.93 34.13 7.54
CA GLU A 293 2.58 33.99 6.99
C GLU A 293 2.16 32.52 6.87
N PRO A 294 0.85 32.25 6.89
CA PRO A 294 0.38 30.87 6.72
C PRO A 294 0.93 30.26 5.42
N ALA A 295 1.72 29.21 5.53
CA ALA A 295 2.38 28.63 4.37
C ALA A 295 1.40 28.20 3.30
N HIS A 296 1.86 28.32 2.06
CA HIS A 296 1.15 27.76 0.93
C HIS A 296 1.70 26.39 0.59
N THR A 297 0.90 25.55 -0.05
CA THR A 297 1.36 24.26 -0.50
C THR A 297 0.82 23.86 -1.86
N GLY A 298 1.52 22.92 -2.48
CA GLY A 298 1.11 22.33 -3.73
C GLY A 298 1.82 20.99 -3.91
N CYS A 299 1.33 20.18 -4.84
CA CYS A 299 1.92 18.87 -5.07
C CYS A 299 1.78 18.48 -6.53
N VAL A 300 2.73 17.70 -7.02
CA VAL A 300 2.60 17.10 -8.34
C VAL A 300 2.46 15.60 -8.13
N ALA A 301 1.36 15.04 -8.61
CA ALA A 301 1.05 13.64 -8.31
C ALA A 301 1.10 12.77 -9.56
N PHE A 302 1.74 11.62 -9.45
CA PHE A 302 1.82 10.66 -10.53
C PHE A 302 0.98 9.46 -10.17
N GLY A 303 0.05 9.11 -11.04
CA GLY A 303 -0.75 7.91 -10.86
C GLY A 303 0.04 6.74 -11.43
N MET A 304 0.69 5.97 -10.56
CA MET A 304 1.59 4.92 -11.01
C MET A 304 0.90 3.83 -11.84
N ASP A 305 -0.29 3.44 -11.42
CA ASP A 305 -1.04 2.41 -12.11
C ASP A 305 -1.60 2.94 -13.41
N ARG A 306 -2.08 4.18 -13.39
CA ARG A 306 -2.56 4.79 -14.62
C ARG A 306 -1.43 4.98 -15.62
N LEU A 307 -0.26 5.40 -15.15
CA LEU A 307 0.89 5.55 -16.03
C LEU A 307 1.31 4.19 -16.59
N ALA A 308 1.38 3.17 -15.73
CA ALA A 308 1.75 1.83 -16.18
C ALA A 308 0.76 1.31 -17.22
N VAL A 309 -0.53 1.45 -16.95
CA VAL A 309 -1.55 1.04 -17.90
C VAL A 309 -1.44 1.83 -19.21
N ALA A 310 -1.16 3.13 -19.13
CA ALA A 310 -0.99 3.92 -20.34
C ALA A 310 0.18 3.36 -21.18
N MET A 311 1.28 3.02 -20.50
CA MET A 311 2.45 2.48 -21.18
C MET A 311 2.11 1.19 -21.93
N PHE A 312 1.35 0.30 -21.29
CA PHE A 312 1.01 -0.94 -21.94
C PHE A 312 0.00 -0.73 -23.05
N HIS A 313 -0.92 0.21 -22.84
CA HIS A 313 -1.92 0.51 -23.84
C HIS A 313 -1.25 1.05 -25.09
N THR A 314 -0.23 1.87 -24.89
CA THR A 314 0.48 2.56 -25.95
C THR A 314 1.51 1.68 -26.67
N HIS A 315 2.24 0.90 -25.90
CA HIS A 315 3.35 0.17 -26.47
C HIS A 315 3.15 -1.33 -26.49
N GLY A 316 2.08 -1.80 -25.84
CA GLY A 316 1.74 -3.22 -25.86
C GLY A 316 2.45 -4.03 -24.79
N THR A 317 2.17 -5.33 -24.76
CA THR A 317 2.66 -6.18 -23.68
C THR A 317 4.00 -6.85 -23.95
N ASP A 318 4.55 -6.62 -25.12
CA ASP A 318 5.85 -7.20 -25.51
C ASP A 318 6.94 -6.16 -25.30
N LEU A 319 7.68 -6.27 -24.21
CA LEU A 319 8.67 -5.25 -23.86
C LEU A 319 9.80 -5.15 -24.89
N SER A 320 10.11 -6.25 -25.56
CA SER A 320 11.19 -6.26 -26.54
C SER A 320 10.86 -5.34 -27.73
N ALA A 321 9.57 -5.15 -27.98
CA ALA A 321 9.09 -4.32 -29.10
C ALA A 321 8.85 -2.85 -28.73
N TRP A 322 9.13 -2.50 -27.49
CA TRP A 322 8.95 -1.11 -27.08
C TRP A 322 9.98 -0.25 -27.81
N PRO A 323 9.64 1.01 -28.10
CA PRO A 323 10.60 1.85 -28.82
C PRO A 323 11.93 1.93 -28.10
N ALA A 324 13.03 1.94 -28.84
CA ALA A 324 14.37 1.96 -28.23
C ALA A 324 14.63 3.16 -27.31
N LYS A 325 14.11 4.33 -27.67
CA LYS A 325 14.26 5.51 -26.82
C LYS A 325 13.57 5.29 -25.48
N VAL A 326 12.35 4.76 -25.53
CA VAL A 326 11.58 4.41 -24.34
C VAL A 326 12.32 3.36 -23.49
N ARG A 327 12.70 2.25 -24.12
CA ARG A 327 13.44 1.19 -23.41
C ARG A 327 14.70 1.77 -22.77
N ASP A 328 15.29 2.76 -23.43
CA ASP A 328 16.53 3.33 -22.95
C ASP A 328 16.29 4.18 -21.72
N ILE A 329 15.34 5.10 -21.77
CA ILE A 329 15.12 5.93 -20.59
C ILE A 329 14.63 5.12 -19.39
N LEU A 330 13.92 4.02 -19.65
CA LEU A 330 13.50 3.14 -18.55
C LEU A 330 14.60 2.19 -18.11
N GLY A 331 15.73 2.22 -18.82
CA GLY A 331 16.83 1.33 -18.55
C GLY A 331 16.53 -0.13 -18.73
N LEU A 332 15.71 -0.46 -19.72
CA LEU A 332 15.34 -1.86 -19.97
C LEU A 332 16.47 -2.66 -20.62
N ASP B 38 13.00 0.91 26.21
CA ASP B 38 12.98 -0.10 25.17
C ASP B 38 14.18 0.04 24.25
N PRO B 39 14.93 -1.07 24.05
CA PRO B 39 16.15 -1.10 23.22
C PRO B 39 15.98 -0.51 21.82
N LEU B 40 14.81 -0.70 21.21
CA LEU B 40 14.59 -0.28 19.83
C LEU B 40 14.19 1.19 19.69
N ASP B 41 13.58 1.76 20.74
CA ASP B 41 12.99 3.09 20.69
C ASP B 41 13.90 4.12 20.05
N HIS B 42 15.16 4.06 20.43
CA HIS B 42 16.15 5.02 19.93
C HIS B 42 16.32 4.97 18.41
N LEU B 43 16.17 3.78 17.82
CA LEU B 43 16.21 3.63 16.36
C LEU B 43 15.29 4.61 15.61
N ALA B 44 14.11 4.89 16.18
CA ALA B 44 13.13 5.72 15.50
C ALA B 44 13.74 6.96 14.89
N ASP B 45 14.66 7.59 15.62
CA ASP B 45 15.23 8.87 15.20
C ASP B 45 15.69 8.86 13.75
N LYS B 46 16.25 7.74 13.29
CA LYS B 46 16.78 7.65 11.93
C LYS B 46 15.83 6.95 10.97
N LEU B 47 14.85 6.24 11.50
CA LEU B 47 14.06 5.31 10.69
C LEU B 47 12.64 5.78 10.40
N PHE B 48 12.04 6.49 11.35
CA PHE B 48 10.63 6.81 11.31
C PHE B 48 10.32 8.25 11.70
N HIS B 49 9.15 8.73 11.29
CA HIS B 49 8.52 9.91 11.86
C HIS B 49 7.11 9.51 12.27
N SER B 50 6.63 10.12 13.35
CA SER B 50 5.30 9.87 13.86
C SER B 50 4.21 10.24 12.86
N MET B 51 3.16 9.42 12.81
CA MET B 51 2.00 9.73 11.97
C MET B 51 0.71 9.85 12.80
N GLY B 52 0.85 10.01 14.11
CA GLY B 52 -0.31 10.21 14.97
C GLY B 52 -0.96 8.92 15.42
N SER B 53 -0.24 7.81 15.31
CA SER B 53 -0.84 6.52 15.60
C SER B 53 0.21 5.46 15.89
N ASP B 54 0.16 4.89 17.09
CA ASP B 54 1.10 3.85 17.45
C ASP B 54 1.12 2.76 16.41
N GLY B 55 2.30 2.40 15.95
CA GLY B 55 2.46 1.31 15.00
C GLY B 55 2.22 1.73 13.56
N VAL B 56 2.02 3.02 13.35
CA VAL B 56 1.90 3.55 12.00
C VAL B 56 2.86 4.71 11.84
N TYR B 57 3.98 4.47 11.17
CA TYR B 57 5.04 5.47 11.05
C TYR B 57 5.40 5.78 9.59
N ALA B 58 5.80 7.01 9.34
CA ALA B 58 6.40 7.37 8.07
C ALA B 58 7.81 6.77 8.03
N ARG B 59 8.22 6.34 6.86
CA ARG B 59 9.51 5.67 6.73
C ARG B 59 10.54 6.55 6.01
N THR B 60 11.70 6.74 6.63
CA THR B 60 12.78 7.53 6.06
C THR B 60 13.46 6.77 4.91
N ALA B 61 14.19 7.52 4.08
CA ALA B 61 14.94 6.97 2.97
C ALA B 61 15.94 5.91 3.43
N LEU B 62 16.57 6.12 4.58
CA LEU B 62 17.51 5.15 5.12
C LEU B 62 16.83 3.82 5.34
N TYR B 63 15.72 3.85 6.07
CA TYR B 63 14.95 2.66 6.40
C TYR B 63 14.47 1.95 5.12
N GLU B 64 13.86 2.70 4.22
CA GLU B 64 13.32 2.12 2.98
C GLU B 64 14.38 1.51 2.09
N SER B 65 15.57 2.11 2.07
CA SER B 65 16.64 1.58 1.23
C SER B 65 17.04 0.19 1.71
N ILE B 66 16.96 -0.04 3.01
CA ILE B 66 17.30 -1.34 3.55
C ILE B 66 16.16 -2.36 3.30
N VAL B 67 14.91 -1.92 3.44
CA VAL B 67 13.77 -2.80 3.16
C VAL B 67 13.86 -3.29 1.70
N GLU B 68 14.14 -2.38 0.77
CA GLU B 68 14.30 -2.73 -0.64
C GLU B 68 15.42 -3.74 -0.90
N ARG B 69 16.56 -3.55 -0.24
N ARG B 69 16.56 -3.54 -0.24
CA ARG B 69 17.70 -4.45 -0.45
CA ARG B 69 17.70 -4.43 -0.43
C ARG B 69 17.44 -5.83 0.13
C ARG B 69 17.42 -5.82 0.11
N LEU B 70 16.72 -5.88 1.24
CA LEU B 70 16.27 -7.14 1.81
C LEU B 70 15.32 -7.83 0.86
N ALA B 71 14.40 -7.06 0.28
CA ALA B 71 13.47 -7.60 -0.69
C ALA B 71 14.24 -8.20 -1.84
N ALA B 72 15.24 -7.45 -2.32
CA ALA B 72 16.08 -7.90 -3.42
C ALA B 72 16.81 -9.21 -3.08
N LEU B 73 17.34 -9.28 -1.86
CA LEU B 73 18.08 -10.44 -1.41
C LEU B 73 17.19 -11.68 -1.38
N ILE B 74 15.98 -11.52 -0.87
CA ILE B 74 15.02 -12.62 -0.85
C ILE B 74 14.66 -13.07 -2.26
N THR B 75 14.45 -12.11 -3.15
CA THR B 75 14.21 -12.42 -4.55
C THR B 75 15.32 -13.28 -5.16
N SER B 76 16.56 -13.05 -4.76
CA SER B 76 17.68 -13.72 -5.37
C SER B 76 17.71 -15.19 -4.98
N HIS B 77 16.98 -15.54 -3.93
CA HIS B 77 16.86 -16.94 -3.53
C HIS B 77 15.59 -17.59 -4.06
N ARG B 78 14.85 -16.87 -4.91
CA ARG B 78 13.61 -17.40 -5.43
C ARG B 78 13.83 -18.65 -6.31
N GLU B 79 13.07 -19.70 -6.06
CA GLU B 79 13.20 -20.96 -6.79
C GLU B 79 12.66 -20.87 -8.21
N ALA B 80 13.25 -21.64 -9.10
CA ALA B 80 12.78 -21.74 -10.48
C ALA B 80 11.31 -22.14 -10.52
N GLY B 81 10.60 -21.67 -11.54
CA GLY B 81 9.19 -21.97 -11.67
C GLY B 81 8.27 -21.32 -10.63
N THR B 82 8.71 -20.20 -10.05
CA THR B 82 7.88 -19.54 -9.04
C THR B 82 7.18 -18.30 -9.64
N GLU B 83 5.86 -18.25 -9.53
CA GLU B 83 5.10 -17.15 -10.11
C GLU B 83 4.95 -16.00 -9.11
N ALA B 84 5.50 -14.84 -9.49
CA ALA B 84 5.51 -13.67 -8.62
C ALA B 84 4.26 -12.82 -8.79
N LEU B 85 3.53 -12.64 -7.70
CA LEU B 85 2.33 -11.82 -7.69
C LEU B 85 2.45 -10.75 -6.64
N ARG B 86 1.95 -9.57 -6.94
CA ARG B 86 2.00 -8.48 -5.99
C ARG B 86 0.57 -7.99 -5.67
N PHE B 87 0.21 -8.16 -4.41
CA PHE B 87 -1.12 -7.84 -3.92
C PHE B 87 -1.19 -6.45 -3.30
N PRO B 88 -2.33 -5.77 -3.46
CA PRO B 88 -2.56 -4.48 -2.79
C PRO B 88 -2.85 -4.71 -1.31
N PRO B 89 -3.03 -3.64 -0.54
CA PRO B 89 -3.19 -3.78 0.91
C PRO B 89 -4.58 -4.27 1.32
N VAL B 90 -5.48 -4.41 0.35
CA VAL B 90 -6.85 -4.84 0.66
C VAL B 90 -7.16 -6.11 -0.11
N MET B 91 -8.16 -6.85 0.36
CA MET B 91 -8.58 -8.08 -0.30
C MET B 91 -10.07 -8.32 -0.04
N SER B 92 -10.63 -9.28 -0.78
CA SER B 92 -12.04 -9.65 -0.66
C SER B 92 -12.41 -10.03 0.77
N ARG B 93 -13.42 -9.35 1.31
CA ARG B 93 -13.97 -9.74 2.61
C ARG B 93 -14.51 -11.18 2.61
N ALA B 94 -15.23 -11.56 1.56
CA ALA B 94 -15.75 -12.94 1.47
C ALA B 94 -14.62 -13.98 1.48
N GLN B 95 -13.55 -13.75 0.70
CA GLN B 95 -12.38 -14.65 0.76
C GLN B 95 -11.84 -14.71 2.18
N LEU B 96 -11.71 -13.56 2.82
CA LEU B 96 -11.17 -13.58 4.17
C LEU B 96 -12.07 -14.39 5.09
N GLU B 97 -13.38 -14.18 4.97
CA GLU B 97 -14.36 -14.94 5.73
C GLU B 97 -14.19 -16.45 5.55
N LYS B 98 -13.99 -16.87 4.30
CA LYS B 98 -13.86 -18.29 3.98
C LYS B 98 -12.54 -18.86 4.46
N SER B 99 -11.57 -17.99 4.72
CA SER B 99 -10.24 -18.45 5.08
C SER B 99 -10.21 -18.98 6.51
N GLY B 100 -11.21 -18.60 7.30
CA GLY B 100 -11.22 -18.97 8.71
C GLY B 100 -10.57 -17.95 9.63
N TYR B 101 -9.94 -16.92 9.06
CA TYR B 101 -9.27 -15.90 9.88
C TYR B 101 -10.20 -15.32 10.92
N LEU B 102 -11.46 -15.16 10.55
CA LEU B 102 -12.43 -14.49 11.39
C LEU B 102 -12.66 -15.29 12.67
N LYS B 103 -12.48 -16.61 12.56
CA LYS B 103 -12.66 -17.50 13.70
C LYS B 103 -11.43 -17.51 14.61
N SER B 104 -10.28 -17.13 14.05
CA SER B 104 -9.01 -17.30 14.75
C SER B 104 -8.50 -16.02 15.38
N PHE B 105 -8.63 -14.90 14.66
CA PHE B 105 -8.08 -13.64 15.12
C PHE B 105 -9.04 -12.50 14.86
N PRO B 106 -10.31 -12.67 15.26
CA PRO B 106 -11.33 -11.68 14.93
C PRO B 106 -10.94 -10.28 15.42
N ASN B 107 -10.22 -10.21 16.53
CA ASN B 107 -9.85 -8.94 17.13
C ASN B 107 -8.76 -8.17 16.37
N LEU B 108 -8.07 -8.87 15.47
CA LEU B 108 -6.97 -8.29 14.73
C LEU B 108 -7.37 -7.81 13.33
N LEU B 109 -8.56 -8.22 12.89
CA LEU B 109 -9.02 -7.89 11.54
C LEU B 109 -9.28 -6.39 11.37
N GLY B 110 -8.83 -5.85 10.25
CA GLY B 110 -9.22 -4.50 9.85
C GLY B 110 -10.15 -4.64 8.66
N CYS B 111 -11.39 -4.22 8.84
N CYS B 111 -11.41 -4.25 8.85
CA CYS B 111 -12.37 -4.26 7.77
CA CYS B 111 -12.41 -4.27 7.77
C CYS B 111 -12.54 -2.88 7.15
C CYS B 111 -12.52 -2.89 7.15
N VAL B 112 -12.75 -2.85 5.85
CA VAL B 112 -12.97 -1.59 5.18
C VAL B 112 -14.45 -1.25 5.26
N CYS B 113 -14.72 0.00 5.66
CA CYS B 113 -16.08 0.50 5.74
C CYS B 113 -16.15 1.88 5.06
N GLY B 114 -17.32 2.23 4.56
CA GLY B 114 -17.47 3.49 3.87
C GLY B 114 -18.87 4.05 4.06
N LEU B 115 -19.11 5.25 3.52
CA LEU B 115 -20.45 5.82 3.47
C LEU B 115 -21.13 5.45 2.17
N HIS B 116 -22.00 4.44 2.22
CA HIS B 116 -22.63 3.86 1.02
C HIS B 116 -24.09 4.28 0.81
N GLY B 117 -24.52 5.37 1.46
CA GLY B 117 -25.91 5.78 1.38
C GLY B 117 -26.21 6.79 0.28
N THR B 118 -27.36 7.43 0.37
CA THR B 118 -27.73 8.47 -0.58
C THR B 118 -26.96 9.73 -0.28
N GLU B 119 -26.98 10.65 -1.22
CA GLU B 119 -26.30 11.92 -1.07
C GLU B 119 -26.79 12.65 0.19
N ARG B 120 -28.09 12.59 0.44
CA ARG B 120 -28.68 13.25 1.59
C ARG B 120 -28.22 12.63 2.91
N GLU B 121 -28.14 11.29 2.93
CA GLU B 121 -27.66 10.57 4.11
C GLU B 121 -26.21 10.89 4.39
N ILE B 122 -25.38 10.97 3.34
CA ILE B 122 -23.97 11.27 3.49
C ILE B 122 -23.72 12.71 3.96
N ASN B 123 -24.46 13.67 3.39
CA ASN B 123 -24.39 15.06 3.83
C ASN B 123 -24.74 15.21 5.31
N ALA B 124 -25.79 14.53 5.73
CA ALA B 124 -26.24 14.56 7.11
C ALA B 124 -25.13 14.07 8.04
N ALA B 125 -24.48 12.97 7.66
CA ALA B 125 -23.38 12.39 8.44
C ALA B 125 -22.29 13.41 8.71
N VAL B 126 -21.87 14.10 7.65
CA VAL B 126 -20.84 15.12 7.77
C VAL B 126 -21.33 16.35 8.56
N SER B 127 -22.62 16.66 8.44
CA SER B 127 -23.23 17.77 9.20
C SER B 127 -23.23 17.46 10.69
N ARG B 128 -23.55 16.21 11.05
CA ARG B 128 -23.49 15.79 12.45
C ARG B 128 -22.08 16.00 12.99
N PHE B 129 -21.08 15.59 12.19
CA PHE B 129 -19.69 15.80 12.55
C PHE B 129 -19.42 17.29 12.78
N ASP B 130 -19.97 18.15 11.93
CA ASP B 130 -19.84 19.59 12.11
C ASP B 130 -20.47 20.06 13.41
N ALA B 131 -21.52 19.36 13.84
CA ALA B 131 -22.27 19.77 15.03
C ALA B 131 -21.88 18.94 16.26
N GLY B 132 -20.61 18.53 16.30
CA GLY B 132 -20.05 17.85 17.46
C GLY B 132 -20.50 16.41 17.66
N GLY B 133 -21.11 15.82 16.64
CA GLY B 133 -21.59 14.46 16.72
C GLY B 133 -20.65 13.49 16.02
N ASP B 134 -21.12 12.28 15.79
CA ASP B 134 -20.31 11.21 15.20
C ASP B 134 -20.77 10.86 13.78
N TRP B 135 -19.97 11.18 12.77
CA TRP B 135 -20.31 10.89 11.38
C TRP B 135 -20.22 9.40 11.04
N THR B 136 -19.46 8.65 11.84
CA THR B 136 -19.22 7.24 11.55
C THR B 136 -20.44 6.33 11.68
N THR B 137 -21.52 6.82 12.28
CA THR B 137 -22.74 6.01 12.43
C THR B 137 -23.35 5.68 11.08
N SER B 138 -22.94 6.40 10.04
CA SER B 138 -23.46 6.12 8.71
C SER B 138 -22.56 5.15 7.91
N LEU B 139 -21.52 4.62 8.55
CA LEU B 139 -20.61 3.66 7.90
C LEU B 139 -21.24 2.29 7.76
N SER B 140 -20.99 1.63 6.63
CA SER B 140 -21.36 0.22 6.49
C SER B 140 -20.21 -0.51 5.81
N PRO B 141 -20.13 -1.83 6.02
CA PRO B 141 -18.97 -2.55 5.49
C PRO B 141 -18.90 -2.53 3.98
N ALA B 142 -17.70 -2.41 3.45
CA ALA B 142 -17.46 -2.67 2.04
C ALA B 142 -17.31 -4.18 1.88
N ASP B 143 -17.02 -4.59 0.64
N ASP B 143 -17.05 -4.63 0.65
CA ASP B 143 -16.72 -5.97 0.30
CA ASP B 143 -16.75 -6.04 0.45
C ASP B 143 -15.23 -6.29 0.49
C ASP B 143 -15.23 -6.26 0.46
N LEU B 144 -14.53 -5.45 1.26
CA LEU B 144 -13.08 -5.55 1.38
C LEU B 144 -12.61 -5.50 2.82
N VAL B 145 -11.44 -6.10 3.07
CA VAL B 145 -10.74 -5.99 4.35
C VAL B 145 -9.27 -5.69 4.09
N LEU B 146 -8.57 -5.15 5.09
CA LEU B 146 -7.12 -5.03 5.03
C LEU B 146 -6.54 -6.43 5.17
N SER B 147 -5.62 -6.79 4.30
N SER B 147 -5.62 -6.79 4.29
CA SER B 147 -5.08 -8.15 4.29
CA SER B 147 -5.04 -8.14 4.28
C SER B 147 -4.23 -8.47 5.53
C SER B 147 -4.24 -8.44 5.55
N PRO B 148 -4.55 -9.56 6.22
CA PRO B 148 -3.82 -10.00 7.43
C PRO B 148 -2.59 -10.81 7.09
N ALA B 149 -2.55 -11.39 5.90
CA ALA B 149 -1.46 -12.26 5.48
C ALA B 149 -1.35 -12.19 3.97
N ALA B 150 -0.13 -12.09 3.47
CA ALA B 150 0.08 -11.86 2.05
C ALA B 150 -0.48 -12.95 1.15
N CYS B 151 -0.45 -14.19 1.61
CA CYS B 151 -0.73 -15.32 0.71
C CYS B 151 -2.22 -15.59 0.51
N TYR B 152 -3.05 -15.09 1.40
CA TYR B 152 -4.48 -15.45 1.37
C TYR B 152 -5.12 -15.37 -0.02
N PRO B 153 -4.93 -14.25 -0.74
CA PRO B 153 -5.62 -14.13 -2.03
C PRO B 153 -5.12 -15.11 -3.11
N VAL B 154 -4.00 -15.79 -2.88
CA VAL B 154 -3.44 -16.60 -3.95
C VAL B 154 -4.17 -17.92 -4.13
N TYR B 155 -4.81 -18.40 -3.07
CA TYR B 155 -5.48 -19.70 -3.09
C TYR B 155 -6.68 -19.76 -4.07
N PRO B 156 -7.59 -18.76 -4.02
CA PRO B 156 -8.67 -18.76 -5.03
C PRO B 156 -8.13 -18.57 -6.45
N ILE B 157 -7.00 -17.88 -6.57
CA ILE B 157 -6.41 -17.67 -7.89
C ILE B 157 -5.96 -19.00 -8.49
N ALA B 158 -5.20 -19.77 -7.71
CA ALA B 158 -4.75 -21.08 -8.15
C ALA B 158 -5.93 -22.03 -8.41
N ALA B 159 -6.93 -22.00 -7.54
CA ALA B 159 -8.05 -22.92 -7.66
C ALA B 159 -8.76 -22.74 -8.99
N SER B 160 -8.76 -21.50 -9.48
CA SER B 160 -9.53 -21.11 -10.65
C SER B 160 -8.94 -21.69 -11.93
N ARG B 161 -7.71 -22.16 -11.85
CA ARG B 161 -7.00 -22.66 -13.02
C ARG B 161 -7.12 -24.17 -13.14
N GLY B 162 -7.96 -24.78 -12.30
CA GLY B 162 -8.19 -26.22 -12.37
C GLY B 162 -7.16 -27.04 -11.62
N PRO B 163 -7.01 -28.32 -12.02
CA PRO B 163 -6.08 -29.28 -11.43
C PRO B 163 -4.64 -28.79 -11.43
N LEU B 164 -3.96 -28.92 -10.29
CA LEU B 164 -2.54 -28.63 -10.20
C LEU B 164 -1.74 -29.56 -11.09
N PRO B 165 -0.64 -29.07 -11.66
CA PRO B 165 0.26 -29.97 -12.37
C PRO B 165 1.00 -30.82 -11.35
N LYS B 166 1.54 -31.95 -11.79
CA LYS B 166 2.40 -32.76 -10.94
C LYS B 166 3.53 -31.89 -10.41
N GLY B 167 3.79 -31.96 -9.10
CA GLY B 167 4.80 -31.12 -8.50
C GLY B 167 4.21 -29.87 -7.85
N GLY B 168 2.94 -29.60 -8.14
CA GLY B 168 2.24 -28.47 -7.55
C GLY B 168 2.57 -27.14 -8.18
N LEU B 169 2.18 -26.05 -7.49
CA LEU B 169 2.51 -24.70 -7.92
C LEU B 169 3.29 -23.98 -6.84
N ARG B 170 4.19 -23.07 -7.25
CA ARG B 170 4.93 -22.21 -6.33
C ARG B 170 4.65 -20.74 -6.64
N PHE B 171 4.29 -19.98 -5.62
CA PHE B 171 4.06 -18.55 -5.79
C PHE B 171 4.98 -17.67 -4.92
N ASP B 172 5.20 -16.47 -5.43
CA ASP B 172 5.95 -15.47 -4.70
C ASP B 172 5.00 -14.29 -4.52
N VAL B 173 4.58 -14.04 -3.28
CA VAL B 173 3.61 -12.99 -3.00
C VAL B 173 4.15 -11.94 -2.06
N ALA B 174 3.64 -10.72 -2.22
CA ALA B 174 3.92 -9.63 -1.31
C ALA B 174 2.66 -8.80 -1.11
N ALA B 175 2.53 -8.24 0.08
CA ALA B 175 1.45 -7.32 0.39
C ALA B 175 1.82 -6.54 1.62
N ASP B 176 1.29 -5.33 1.71
CA ASP B 176 1.21 -4.61 2.96
C ASP B 176 0.04 -5.21 3.75
N CYS B 177 0.36 -5.78 4.90
CA CYS B 177 -0.63 -6.44 5.75
C CYS B 177 -1.00 -5.59 6.95
N PHE B 178 -2.08 -5.98 7.61
CA PHE B 178 -2.62 -5.20 8.69
C PHE B 178 -2.97 -6.08 9.88
N ARG B 179 -2.67 -5.58 11.08
CA ARG B 179 -3.05 -6.22 12.32
C ARG B 179 -3.48 -5.09 13.26
N ARG B 180 -4.72 -5.17 13.71
N ARG B 180 -4.72 -5.14 13.73
CA ARG B 180 -5.28 -4.17 14.62
CA ARG B 180 -5.27 -4.10 14.59
C ARG B 180 -4.78 -4.41 16.02
C ARG B 180 -4.82 -4.31 16.03
N GLU B 181 -3.56 -3.98 16.30
CA GLU B 181 -2.96 -4.19 17.62
C GLU B 181 -1.94 -3.09 17.89
N PRO B 182 -2.41 -1.95 18.38
CA PRO B 182 -1.56 -0.78 18.64
C PRO B 182 -0.48 -1.07 19.69
N SER B 183 0.72 -0.55 19.44
CA SER B 183 1.86 -0.77 20.30
C SER B 183 2.88 0.31 19.99
N LYS B 184 3.74 0.61 20.95
CA LYS B 184 4.79 1.58 20.71
C LYS B 184 6.10 0.88 20.35
N HIS B 185 6.11 -0.45 20.41
CA HIS B 185 7.32 -1.19 20.08
C HIS B 185 7.55 -1.23 18.57
N LEU B 186 8.79 -1.02 18.16
CA LEU B 186 9.13 -0.86 16.76
C LEU B 186 9.00 -2.16 15.98
N ASP B 187 8.92 -3.27 16.70
CA ASP B 187 8.76 -4.56 16.05
C ASP B 187 7.32 -5.06 16.12
N ARG B 188 6.43 -4.19 16.60
N ARG B 188 6.42 -4.20 16.60
CA ARG B 188 4.99 -4.47 16.66
CA ARG B 188 4.99 -4.51 16.61
C ARG B 188 4.21 -3.36 15.97
C ARG B 188 4.20 -3.39 15.96
N LEU B 189 4.11 -3.43 14.64
CA LEU B 189 3.42 -2.41 13.87
C LEU B 189 1.99 -2.83 13.55
N GLN B 190 1.14 -1.86 13.22
CA GLN B 190 -0.20 -2.19 12.72
C GLN B 190 -0.21 -2.44 11.21
N SER B 191 0.71 -1.81 10.50
CA SER B 191 0.81 -1.94 9.04
C SER B 191 2.25 -2.29 8.70
N PHE B 192 2.47 -3.47 8.12
CA PHE B 192 3.81 -3.99 7.84
C PHE B 192 3.83 -4.83 6.57
N ARG B 193 4.98 -4.88 5.93
CA ARG B 193 5.17 -5.58 4.66
C ARG B 193 5.47 -7.06 4.91
N MET B 194 4.76 -7.94 4.19
CA MET B 194 5.04 -9.36 4.25
C MET B 194 5.47 -9.86 2.88
N ARG B 195 6.44 -10.75 2.86
CA ARG B 195 6.88 -11.36 1.62
C ARG B 195 6.76 -12.85 1.84
N GLU B 196 6.25 -13.59 0.87
CA GLU B 196 6.10 -15.02 1.09
C GLU B 196 6.31 -15.88 -0.17
N TYR B 197 6.96 -17.03 0.03
CA TYR B 197 6.95 -18.08 -0.96
C TYR B 197 5.93 -19.13 -0.52
N VAL B 198 5.07 -19.54 -1.45
CA VAL B 198 3.93 -20.38 -1.16
C VAL B 198 3.97 -21.63 -2.02
N CYS B 199 3.77 -22.78 -1.40
CA CYS B 199 3.72 -24.06 -2.10
C CYS B 199 2.32 -24.62 -2.01
N ILE B 200 1.76 -24.98 -3.17
CA ILE B 200 0.46 -25.62 -3.27
C ILE B 200 0.65 -26.93 -4.02
N GLY B 201 0.29 -28.04 -3.38
CA GLY B 201 0.52 -29.36 -3.97
C GLY B 201 0.16 -30.48 -3.02
N THR B 202 0.76 -31.65 -3.23
CA THR B 202 0.55 -32.79 -2.35
C THR B 202 1.31 -32.57 -1.05
N PRO B 203 0.99 -33.34 0.00
CA PRO B 203 1.78 -33.24 1.24
C PRO B 203 3.26 -33.46 0.98
N ASP B 204 3.62 -34.29 0.01
CA ASP B 204 5.04 -34.47 -0.31
C ASP B 204 5.65 -33.17 -0.85
N ASP B 205 4.95 -32.53 -1.78
CA ASP B 205 5.38 -31.23 -2.33
C ASP B 205 5.63 -30.23 -1.21
N VAL B 206 4.64 -30.10 -0.32
CA VAL B 206 4.72 -29.10 0.72
C VAL B 206 5.81 -29.44 1.74
N SER B 207 5.96 -30.72 2.06
CA SER B 207 7.01 -31.14 3.00
C SER B 207 8.40 -30.88 2.43
N ASP B 208 8.64 -31.26 1.17
CA ASP B 208 9.96 -30.98 0.58
C ASP B 208 10.22 -29.48 0.55
N PHE B 209 9.21 -28.71 0.17
CA PHE B 209 9.27 -27.25 0.17
C PHE B 209 9.62 -26.71 1.57
N ARG B 210 8.88 -27.16 2.58
CA ARG B 210 9.14 -26.74 3.96
C ARG B 210 10.58 -27.04 4.40
N GLU B 211 11.04 -28.25 4.17
CA GLU B 211 12.39 -28.63 4.58
C GLU B 211 13.43 -27.72 3.91
N ARG B 212 13.27 -27.54 2.62
CA ARG B 212 14.15 -26.70 1.83
C ARG B 212 14.17 -25.27 2.41
N TRP B 213 13.00 -24.70 2.64
CA TRP B 213 12.92 -23.33 3.12
C TRP B 213 13.30 -23.10 4.59
N MET B 214 13.11 -24.11 5.43
CA MET B 214 13.61 -24.00 6.81
C MET B 214 15.13 -23.86 6.82
N VAL B 215 15.77 -24.41 5.80
CA VAL B 215 17.22 -24.34 5.66
C VAL B 215 17.69 -23.03 5.03
N ARG B 216 17.03 -22.64 3.93
CA ARG B 216 17.34 -21.37 3.28
C ARG B 216 17.09 -20.16 4.19
N ALA B 217 15.99 -20.17 4.94
CA ALA B 217 15.68 -19.08 5.86
C ALA B 217 16.82 -18.84 6.83
N GLN B 218 17.38 -19.93 7.34
CA GLN B 218 18.47 -19.84 8.29
C GLN B 218 19.71 -19.33 7.58
N ALA B 219 20.00 -19.90 6.41
CA ALA B 219 21.14 -19.44 5.65
C ALA B 219 21.03 -17.94 5.37
N ILE B 220 19.82 -17.46 5.08
CA ILE B 220 19.60 -16.04 4.82
C ILE B 220 19.88 -15.18 6.06
N ALA B 221 19.34 -15.59 7.19
CA ALA B 221 19.58 -14.85 8.42
C ALA B 221 21.07 -14.82 8.76
N ARG B 222 21.76 -15.92 8.44
CA ARG B 222 23.18 -16.04 8.71
C ARG B 222 23.97 -15.07 7.85
N ASP B 223 23.62 -14.98 6.58
CA ASP B 223 24.26 -14.03 5.67
C ASP B 223 23.98 -12.59 6.05
N LEU B 224 22.86 -12.35 6.73
CA LEU B 224 22.51 -11.00 7.14
C LEU B 224 23.19 -10.65 8.43
N GLY B 225 23.93 -11.60 8.98
CA GLY B 225 24.69 -11.38 10.18
C GLY B 225 23.79 -11.26 11.38
N LEU B 226 22.61 -11.88 11.29
CA LEU B 226 21.65 -11.83 12.39
C LEU B 226 21.82 -13.00 13.36
N THR B 227 21.60 -12.73 14.63
CA THR B 227 21.62 -13.75 15.66
C THR B 227 20.19 -14.22 15.90
N PHE B 228 19.98 -15.52 15.83
CA PHE B 228 18.63 -16.06 15.84
C PHE B 228 18.58 -17.46 16.41
N ARG B 229 17.39 -17.88 16.81
CA ARG B 229 17.13 -19.28 17.12
C ARG B 229 15.84 -19.75 16.44
N VAL B 230 15.78 -21.04 16.16
CA VAL B 230 14.61 -21.60 15.52
C VAL B 230 13.78 -22.32 16.56
N ASP B 231 12.50 -22.03 16.59
CA ASP B 231 11.62 -22.62 17.55
C ASP B 231 10.43 -23.21 16.83
N TYR B 232 9.69 -24.08 17.49
CA TYR B 232 8.53 -24.67 16.84
C TYR B 232 7.21 -24.31 17.53
N ALA B 233 6.74 -23.09 17.26
CA ALA B 233 5.48 -22.60 17.78
C ALA B 233 4.31 -22.95 16.86
N LEU B 254 4.11 -28.75 12.31
CA LEU B 254 3.66 -27.58 13.07
C LEU B 254 4.45 -26.35 12.62
N LYS B 255 4.17 -25.20 13.24
CA LYS B 255 4.76 -23.94 12.82
C LYS B 255 6.22 -23.78 13.22
N PHE B 256 7.03 -23.32 12.28
CA PHE B 256 8.45 -23.07 12.48
C PHE B 256 8.65 -21.55 12.54
N GLU B 257 9.45 -21.08 13.49
CA GLU B 257 9.72 -19.65 13.61
C GLU B 257 11.18 -19.32 13.86
N LEU B 258 11.65 -18.30 13.17
CA LEU B 258 13.02 -17.83 13.34
C LEU B 258 12.96 -16.56 14.15
N LEU B 259 13.46 -16.62 15.38
CA LEU B 259 13.30 -15.53 16.34
C LEU B 259 14.63 -14.82 16.57
N ILE B 260 14.56 -13.49 16.54
CA ILE B 260 15.75 -12.66 16.66
C ILE B 260 15.58 -11.79 17.88
N PRO B 261 16.60 -11.79 18.76
CA PRO B 261 16.63 -10.92 19.95
C PRO B 261 16.57 -9.47 19.54
N LEU B 262 15.51 -8.77 19.92
CA LEU B 262 15.34 -7.38 19.53
C LEU B 262 15.15 -6.50 20.76
N ARG B 263 14.37 -6.99 21.72
CA ARG B 263 14.17 -6.32 22.99
C ARG B 263 14.95 -7.05 24.08
N SER B 264 14.99 -8.37 23.96
CA SER B 264 15.66 -9.22 24.93
C SER B 264 15.87 -10.60 24.32
N GLU B 265 16.69 -11.42 24.97
CA GLU B 265 16.96 -12.77 24.48
C GLU B 265 15.88 -13.76 24.92
N GLU B 266 15.20 -13.44 26.02
CA GLU B 266 14.12 -14.28 26.53
C GLU B 266 12.82 -14.03 25.74
N GLN B 267 12.69 -12.82 25.22
CA GLN B 267 11.54 -12.48 24.37
C GLN B 267 12.00 -12.03 22.98
N PRO B 268 12.50 -12.96 22.16
CA PRO B 268 12.97 -12.62 20.82
C PRO B 268 11.77 -12.43 19.91
N THR B 269 11.99 -11.82 18.75
CA THR B 269 10.91 -11.50 17.83
C THR B 269 10.97 -12.43 16.61
N ALA B 270 9.80 -12.94 16.21
CA ALA B 270 9.71 -13.82 15.04
C ALA B 270 9.78 -12.99 13.75
N CYS B 271 10.81 -13.23 12.95
CA CYS B 271 11.08 -12.41 11.79
C CYS B 271 10.84 -13.19 10.50
N MET B 272 10.84 -14.51 10.60
CA MET B 272 10.44 -15.35 9.50
C MET B 272 9.75 -16.56 10.10
N SER B 273 8.79 -17.13 9.36
CA SER B 273 8.08 -18.30 9.85
C SER B 273 7.75 -19.26 8.72
N PHE B 274 7.41 -20.49 9.07
CA PHE B 274 6.81 -21.39 8.09
C PHE B 274 5.46 -21.88 8.58
N ASN B 275 4.44 -21.65 7.74
CA ASN B 275 3.07 -22.06 8.05
C ASN B 275 2.65 -23.23 7.16
N TYR B 276 2.23 -24.31 7.80
CA TYR B 276 1.65 -25.44 7.10
C TYR B 276 0.16 -25.41 7.35
N HIS B 277 -0.65 -25.40 6.30
CA HIS B 277 -2.09 -25.22 6.49
C HIS B 277 -2.88 -26.52 6.31
N ARG B 278 -2.19 -27.65 6.13
CA ARG B 278 -2.87 -28.89 5.81
C ARG B 278 -3.64 -28.66 4.53
N GLU B 279 -4.84 -29.24 4.41
CA GLU B 279 -5.60 -29.13 3.18
C GLU B 279 -6.73 -28.10 3.33
N HIS B 280 -6.56 -27.24 4.33
CA HIS B 280 -7.54 -26.22 4.69
C HIS B 280 -7.95 -25.35 3.48
N PHE B 281 -6.98 -24.72 2.84
CA PHE B 281 -7.26 -23.91 1.65
C PHE B 281 -7.61 -24.78 0.44
N GLY B 282 -7.00 -25.96 0.36
CA GLY B 282 -7.30 -26.86 -0.73
C GLY B 282 -8.77 -27.21 -0.72
N THR B 283 -9.28 -27.43 0.49
CA THR B 283 -10.67 -27.84 0.67
C THR B 283 -11.63 -26.67 0.48
N THR B 284 -11.27 -25.51 1.04
CA THR B 284 -12.13 -24.35 0.97
C THR B 284 -12.34 -23.89 -0.46
N TRP B 285 -11.27 -23.91 -1.24
CA TRP B 285 -11.35 -23.37 -2.59
C TRP B 285 -11.47 -24.44 -3.65
N GLY B 286 -11.44 -25.69 -3.22
CA GLY B 286 -11.50 -26.81 -4.13
C GLY B 286 -10.27 -26.91 -5.02
N ILE B 287 -9.09 -26.67 -4.45
CA ILE B 287 -7.85 -26.91 -5.20
C ILE B 287 -7.59 -28.40 -5.19
N GLN B 288 -7.46 -29.00 -6.38
N GLN B 288 -7.40 -28.97 -6.38
CA GLN B 288 -7.19 -30.44 -6.45
CA GLN B 288 -7.17 -30.40 -6.54
C GLN B 288 -5.83 -30.73 -7.07
C GLN B 288 -5.78 -30.67 -7.06
N ASP B 289 -5.07 -31.61 -6.42
CA ASP B 289 -3.73 -31.96 -6.88
C ASP B 289 -3.81 -32.88 -8.09
N ALA B 290 -2.65 -33.28 -8.60
CA ALA B 290 -2.58 -34.05 -9.84
C ALA B 290 -3.18 -35.46 -9.74
N ASN B 291 -3.42 -35.90 -8.50
CA ASN B 291 -4.04 -37.20 -8.25
C ASN B 291 -5.50 -37.08 -7.91
N GLY B 292 -6.04 -35.87 -8.07
CA GLY B 292 -7.44 -35.62 -7.80
C GLY B 292 -7.81 -35.43 -6.35
N GLU B 293 -6.83 -35.25 -5.48
CA GLU B 293 -7.11 -35.01 -4.06
C GLU B 293 -7.00 -33.53 -3.69
N PRO B 294 -7.67 -33.12 -2.60
CA PRO B 294 -7.58 -31.74 -2.12
C PRO B 294 -6.14 -31.38 -1.80
N ALA B 295 -5.67 -30.27 -2.36
CA ALA B 295 -4.28 -29.87 -2.23
C ALA B 295 -3.91 -29.44 -0.82
N HIS B 296 -2.65 -29.65 -0.47
CA HIS B 296 -2.09 -29.10 0.76
C HIS B 296 -1.33 -27.81 0.44
N THR B 297 -1.17 -26.95 1.44
CA THR B 297 -0.43 -25.71 1.22
C THR B 297 0.43 -25.41 2.44
N GLY B 298 1.58 -24.79 2.19
CA GLY B 298 2.41 -24.24 3.25
C GLY B 298 3.09 -22.99 2.72
N CYS B 299 3.56 -22.13 3.61
CA CYS B 299 4.23 -20.93 3.13
C CYS B 299 5.40 -20.57 4.02
N VAL B 300 6.44 -20.02 3.41
CA VAL B 300 7.51 -19.38 4.18
C VAL B 300 7.32 -17.88 4.12
N ALA B 301 7.31 -17.24 5.29
CA ALA B 301 6.93 -15.84 5.42
C ALA B 301 8.05 -15.03 6.04
N PHE B 302 8.36 -13.89 5.43
CA PHE B 302 9.39 -12.97 5.87
C PHE B 302 8.78 -11.63 6.26
N GLY B 303 8.92 -11.25 7.53
CA GLY B 303 8.46 -9.96 7.99
C GLY B 303 9.44 -8.87 7.59
N MET B 304 9.19 -8.23 6.45
CA MET B 304 10.14 -7.29 5.85
C MET B 304 10.49 -6.13 6.78
N ASP B 305 9.49 -5.61 7.47
CA ASP B 305 9.70 -4.51 8.41
C ASP B 305 10.36 -5.01 9.69
N ARG B 306 10.03 -6.22 10.10
CA ARG B 306 10.74 -6.78 11.26
C ARG B 306 12.21 -7.05 10.93
N LEU B 307 12.47 -7.56 9.73
CA LEU B 307 13.84 -7.82 9.29
C LEU B 307 14.67 -6.56 9.23
N ALA B 308 14.06 -5.50 8.71
CA ALA B 308 14.73 -4.21 8.60
C ALA B 308 15.05 -3.71 9.99
N VAL B 309 14.06 -3.70 10.89
CA VAL B 309 14.34 -3.27 12.26
C VAL B 309 15.43 -4.14 12.88
N ALA B 310 15.37 -5.44 12.63
CA ALA B 310 16.42 -6.34 13.10
C ALA B 310 17.81 -5.88 12.63
N MET B 311 17.93 -5.55 11.36
CA MET B 311 19.21 -5.19 10.77
C MET B 311 19.77 -3.94 11.43
N PHE B 312 18.95 -2.90 11.53
CA PHE B 312 19.34 -1.66 12.16
C PHE B 312 19.69 -1.85 13.63
N HIS B 313 18.90 -2.66 14.33
CA HIS B 313 19.21 -3.02 15.71
C HIS B 313 20.56 -3.73 15.81
N THR B 314 20.81 -4.64 14.88
CA THR B 314 22.00 -5.48 14.96
C THR B 314 23.26 -4.74 14.52
N HIS B 315 23.19 -4.05 13.39
CA HIS B 315 24.36 -3.47 12.77
C HIS B 315 24.45 -1.96 12.96
N GLY B 316 23.39 -1.36 13.47
CA GLY B 316 23.37 0.07 13.70
C GLY B 316 22.85 0.85 12.51
N THR B 317 22.60 2.14 12.71
CA THR B 317 22.02 3.00 11.68
C THR B 317 23.01 3.60 10.68
N ASP B 318 24.30 3.34 10.88
CA ASP B 318 25.34 3.85 9.98
C ASP B 318 25.75 2.73 9.04
N LEU B 319 25.26 2.77 7.80
CA LEU B 319 25.51 1.68 6.84
C LEU B 319 27.01 1.51 6.49
N SER B 320 27.76 2.59 6.57
CA SER B 320 29.19 2.56 6.27
C SER B 320 29.94 1.63 7.20
N ALA B 321 29.40 1.43 8.40
CA ALA B 321 30.06 0.63 9.43
C ALA B 321 29.46 -0.77 9.58
N TRP B 322 28.60 -1.15 8.64
CA TRP B 322 28.08 -2.51 8.59
C TRP B 322 29.19 -3.41 8.09
N PRO B 323 29.20 -4.68 8.53
CA PRO B 323 30.25 -5.61 8.06
C PRO B 323 30.25 -5.73 6.54
N ALA B 324 31.44 -5.95 5.98
CA ALA B 324 31.62 -5.96 4.53
C ALA B 324 30.87 -7.10 3.84
N LYS B 325 30.78 -8.24 4.52
CA LYS B 325 30.02 -9.38 4.02
C LYS B 325 28.57 -8.97 3.79
N VAL B 326 27.99 -8.34 4.81
CA VAL B 326 26.62 -7.87 4.77
C VAL B 326 26.44 -6.77 3.74
N ARG B 327 27.33 -5.78 3.74
CA ARG B 327 27.26 -4.76 2.71
C ARG B 327 27.30 -5.43 1.35
N ASP B 328 28.13 -6.46 1.24
CA ASP B 328 28.32 -7.15 -0.03
C ASP B 328 27.06 -7.86 -0.52
N ILE B 329 26.48 -8.72 0.31
CA ILE B 329 25.26 -9.43 -0.08
C ILE B 329 24.08 -8.50 -0.34
N LEU B 330 24.08 -7.31 0.27
CA LEU B 330 22.98 -6.38 0.07
C LEU B 330 23.28 -5.34 -1.01
N GLY B 331 24.34 -5.58 -1.78
CA GLY B 331 24.71 -4.69 -2.87
C GLY B 331 25.03 -3.25 -2.44
N LEU B 332 25.71 -3.12 -1.30
CA LEU B 332 26.06 -1.81 -0.77
C LEU B 332 27.55 -1.48 -0.97
N GLN B 333 28.40 -2.51 -0.99
CA GLN B 333 29.85 -2.33 -1.02
C GLN B 333 30.40 -2.64 -2.41
#